data_6LFL
#
_entry.id   6LFL
#
_cell.length_a   41.300
_cell.length_b   108.460
_cell.length_c   82.600
_cell.angle_alpha   90.000
_cell.angle_beta   91.160
_cell.angle_gamma   90.000
#
_symmetry.space_group_name_H-M   'P 1 21 1'
#
loop_
_entity.id
_entity.type
_entity.pdbx_description
1 polymer 'C-X-C chemokine receptor type 2,GlgA glycogen synthase,C-X-C chemokine receptor type 2'
2 non-polymer 4-[[3,4-bis(oxidanylidene)-2-[[(1~{R})-1-(4-propan-2-ylfuran-2-yl)propyl]amino]cyclobuten-1-yl]amino]-~{N},~{N}-dimethyl-3-oxidanyl-pyridine-2-carboxamide
#
_entity_poly.entity_id   1
_entity_poly.type   'polypeptide(L)'
_entity_poly.pdbx_seq_one_letter_code
;APCEPESLEINKYFVVIIYALVFLLSLLGNSLVMLVILYSRVGRSVTDVYLLNLALADLLFALTLPIWAASKVNGWIFGT
FLCKVVSLLKEVNFYSGIWLLACISVDRYLAIVHATRTLTQKRYLVKFICLSIWGLSLLLALPVLLFRRTVYSSNVSPAC
YEDMGNNTANWRMLLRILPQSFGFIVPLLIMLFCYGFTLRTLFKAGIDCSFWNESYLTGSRDERKKSLLSKFGMDEGVTF
MFIGRFDRGQKGVDVLLKAIEILSSKKEFQEMRFIIIGKGDPELEGWARSLEEKHGNVKVITEMLSREFVRELYGSVDFV
IIPSYFEPFGLVALEAMCLGAIPIASAVGGLRDIITNETGILVKAGDPGELANAILKALELSRSDLSKFRENCKKRAMSF
SGQKHREMRVIFAVVLIFLLCWLPYNLVLLADTLMRTQVIQETCERRNHIDRALDATEILAILHSCLNPLIYAFIGQKFR
HGLLKILAIHGLISKDSLPKDS
;
_entity_poly.pdbx_strand_id   A
#
# COMPACT_ATOMS: atom_id res chain seq x y z
N ILE A 10 -10.50 -43.94 8.03
CA ILE A 10 -10.76 -42.74 8.83
C ILE A 10 -10.40 -41.44 8.04
N ASN A 11 -10.05 -40.33 8.74
CA ASN A 11 -9.66 -39.03 8.17
C ASN A 11 -8.45 -39.11 7.23
N LYS A 12 -7.69 -40.22 7.31
CA LYS A 12 -6.50 -40.52 6.51
C LYS A 12 -6.76 -40.55 5.00
N TYR A 13 -7.91 -41.14 4.58
CA TYR A 13 -8.32 -41.25 3.18
C TYR A 13 -8.52 -39.85 2.53
N PHE A 14 -9.13 -38.92 3.29
CA PHE A 14 -9.43 -37.54 2.89
C PHE A 14 -8.14 -36.75 2.64
N VAL A 15 -7.16 -36.88 3.55
CA VAL A 15 -5.87 -36.20 3.48
C VAL A 15 -5.17 -36.52 2.15
N VAL A 16 -5.09 -37.81 1.78
CA VAL A 16 -4.46 -38.30 0.54
C VAL A 16 -5.16 -37.70 -0.70
N ILE A 17 -6.51 -37.58 -0.66
CA ILE A 17 -7.33 -36.97 -1.73
C ILE A 17 -6.89 -35.50 -1.93
N ILE A 18 -6.91 -34.69 -0.86
CA ILE A 18 -6.54 -33.27 -0.85
C ILE A 18 -5.09 -33.09 -1.31
N TYR A 19 -4.19 -33.97 -0.84
CA TYR A 19 -2.78 -33.95 -1.20
C TYR A 19 -2.60 -34.18 -2.70
N ALA A 20 -3.29 -35.19 -3.26
CA ALA A 20 -3.24 -35.51 -4.70
C ALA A 20 -3.92 -34.43 -5.56
N LEU A 21 -5.01 -33.83 -5.02
CA LEU A 21 -5.80 -32.78 -5.63
C LEU A 21 -4.99 -31.49 -5.73
N VAL A 22 -4.34 -31.07 -4.62
CA VAL A 22 -3.49 -29.86 -4.59
C VAL A 22 -2.28 -30.05 -5.50
N PHE A 23 -1.60 -31.22 -5.41
CA PHE A 23 -0.44 -31.62 -6.20
C PHE A 23 -0.61 -31.32 -7.69
N LEU A 24 -1.78 -31.70 -8.25
CA LEU A 24 -2.11 -31.49 -9.66
C LEU A 24 -2.40 -30.04 -9.98
N LEU A 25 -3.24 -29.38 -9.15
CA LEU A 25 -3.60 -27.98 -9.28
C LEU A 25 -2.38 -27.04 -9.18
N SER A 26 -1.32 -27.50 -8.47
CA SER A 26 -0.08 -26.74 -8.32
C SER A 26 0.85 -27.01 -9.49
N LEU A 27 0.96 -28.28 -9.90
CA LEU A 27 1.80 -28.70 -11.02
C LEU A 27 1.38 -27.94 -12.29
N LEU A 28 0.14 -28.16 -12.77
CA LEU A 28 -0.42 -27.51 -13.94
C LEU A 28 -0.40 -25.99 -13.75
N GLY A 29 -0.93 -25.53 -12.61
CA GLY A 29 -1.01 -24.12 -12.24
C GLY A 29 0.28 -23.36 -12.41
N ASN A 30 1.30 -23.69 -11.60
CA ASN A 30 2.62 -23.05 -11.60
C ASN A 30 3.40 -23.25 -12.90
N SER A 31 3.21 -24.41 -13.59
CA SER A 31 3.86 -24.70 -14.87
C SER A 31 3.34 -23.72 -15.93
N LEU A 32 2.01 -23.49 -15.92
CA LEU A 32 1.33 -22.56 -16.81
C LEU A 32 1.88 -21.14 -16.59
N VAL A 33 2.02 -20.74 -15.31
CA VAL A 33 2.54 -19.43 -14.85
C VAL A 33 4.01 -19.22 -15.31
N MET A 34 4.87 -20.24 -15.15
CA MET A 34 6.28 -20.20 -15.59
C MET A 34 6.37 -20.06 -17.10
N LEU A 35 5.49 -20.76 -17.85
CA LEU A 35 5.41 -20.69 -19.32
C LEU A 35 5.07 -19.26 -19.79
N VAL A 36 3.95 -18.68 -19.28
CA VAL A 36 3.43 -17.35 -19.59
C VAL A 36 4.48 -16.26 -19.28
N ILE A 37 5.20 -16.39 -18.16
CA ILE A 37 6.25 -15.41 -17.82
C ILE A 37 7.48 -15.55 -18.73
N LEU A 38 7.95 -16.81 -18.95
CA LEU A 38 9.15 -17.09 -19.76
C LEU A 38 8.98 -16.97 -21.27
N TYR A 39 7.73 -17.05 -21.80
CA TYR A 39 7.41 -16.97 -23.24
C TYR A 39 7.94 -15.67 -23.89
N SER A 40 7.61 -14.51 -23.31
CA SER A 40 8.08 -13.23 -23.82
C SER A 40 8.81 -12.43 -22.74
N ARG A 41 10.02 -11.98 -23.11
CA ARG A 41 10.93 -11.17 -22.31
C ARG A 41 10.37 -9.75 -22.29
N VAL A 42 9.66 -9.37 -23.37
CA VAL A 42 9.03 -8.06 -23.58
C VAL A 42 7.97 -7.80 -22.52
N GLY A 43 8.00 -6.60 -21.95
CA GLY A 43 7.06 -6.17 -20.92
C GLY A 43 7.22 -6.80 -19.55
N ARG A 44 8.11 -7.82 -19.42
CA ARG A 44 8.37 -8.54 -18.17
C ARG A 44 9.12 -7.63 -17.20
N SER A 45 8.56 -7.44 -16.00
CA SER A 45 9.10 -6.58 -14.95
C SER A 45 9.87 -7.35 -13.85
N VAL A 46 10.56 -6.58 -12.96
CA VAL A 46 11.33 -7.06 -11.81
C VAL A 46 10.38 -7.88 -10.93
N THR A 47 9.13 -7.43 -10.79
CA THR A 47 8.10 -8.13 -10.04
C THR A 47 7.75 -9.45 -10.70
N ASP A 48 7.62 -9.47 -12.06
CA ASP A 48 7.30 -10.68 -12.83
C ASP A 48 8.38 -11.75 -12.64
N VAL A 49 9.65 -11.31 -12.48
CA VAL A 49 10.81 -12.17 -12.21
C VAL A 49 10.66 -12.80 -10.81
N TYR A 50 10.31 -11.98 -9.79
CA TYR A 50 10.10 -12.47 -8.43
C TYR A 50 8.93 -13.44 -8.34
N LEU A 51 7.81 -13.13 -9.04
CA LEU A 51 6.61 -13.98 -9.10
C LEU A 51 6.91 -15.31 -9.83
N LEU A 52 7.86 -15.30 -10.79
CA LEU A 52 8.31 -16.48 -11.53
C LEU A 52 9.10 -17.40 -10.59
N ASN A 53 9.90 -16.81 -9.68
CA ASN A 53 10.70 -17.55 -8.70
C ASN A 53 9.79 -18.18 -7.64
N LEU A 54 8.74 -17.46 -7.25
CA LEU A 54 7.71 -17.88 -6.31
C LEU A 54 6.97 -19.09 -6.88
N ALA A 55 6.67 -19.07 -8.20
CA ALA A 55 6.01 -20.14 -8.95
C ALA A 55 6.87 -21.40 -8.94
N LEU A 56 8.21 -21.23 -9.05
CA LEU A 56 9.16 -22.34 -9.02
C LEU A 56 9.27 -22.90 -7.59
N ALA A 57 9.26 -22.01 -6.57
CA ALA A 57 9.32 -22.41 -5.17
C ALA A 57 8.09 -23.26 -4.77
N ASP A 58 6.89 -22.89 -5.29
CA ASP A 58 5.66 -23.64 -5.06
C ASP A 58 5.63 -24.93 -5.87
N LEU A 59 6.26 -24.89 -7.07
CA LEU A 59 6.36 -26.02 -7.99
C LEU A 59 7.21 -27.13 -7.38
N LEU A 60 8.29 -26.78 -6.66
CA LEU A 60 9.19 -27.73 -6.01
C LEU A 60 8.54 -28.38 -4.78
N PHE A 61 7.81 -27.57 -3.97
CA PHE A 61 7.11 -28.02 -2.77
C PHE A 61 5.95 -28.96 -3.14
N ALA A 62 5.35 -28.77 -4.32
CA ALA A 62 4.27 -29.58 -4.87
C ALA A 62 4.74 -30.99 -5.11
N LEU A 63 5.99 -31.15 -5.58
CA LEU A 63 6.64 -32.43 -5.86
C LEU A 63 6.77 -33.34 -4.63
N THR A 64 6.88 -32.75 -3.42
CA THR A 64 7.00 -33.52 -2.18
C THR A 64 5.66 -34.03 -1.65
N LEU A 65 4.53 -33.44 -2.10
CA LEU A 65 3.18 -33.81 -1.66
C LEU A 65 2.79 -35.29 -1.89
N PRO A 66 3.09 -35.98 -3.05
CA PRO A 66 2.71 -37.40 -3.17
C PRO A 66 3.51 -38.34 -2.24
N ILE A 67 4.75 -37.94 -1.89
CA ILE A 67 5.64 -38.69 -0.96
C ILE A 67 5.10 -38.49 0.47
N TRP A 68 4.56 -37.27 0.75
CA TRP A 68 3.93 -36.91 2.02
C TRP A 68 2.56 -37.59 2.16
N ALA A 69 1.89 -37.87 1.02
CA ALA A 69 0.58 -38.53 0.98
C ALA A 69 0.68 -39.98 1.43
N ALA A 70 1.73 -40.69 0.95
CA ALA A 70 2.01 -42.09 1.32
C ALA A 70 2.53 -42.13 2.77
N SER A 71 3.12 -41.01 3.24
CA SER A 71 3.65 -40.82 4.59
C SER A 71 2.53 -40.73 5.65
N LYS A 72 1.25 -40.58 5.22
CA LYS A 72 0.12 -40.48 6.14
C LYS A 72 -0.52 -41.86 6.38
N VAL A 73 -0.55 -42.69 5.33
CA VAL A 73 -1.11 -44.05 5.31
C VAL A 73 -0.27 -44.95 6.25
N ASN A 74 1.05 -45.00 5.97
CA ASN A 74 2.09 -45.71 6.73
C ASN A 74 3.11 -44.62 7.02
N GLY A 75 3.99 -44.84 8.00
CA GLY A 75 4.99 -43.84 8.38
C GLY A 75 6.07 -43.54 7.35
N TRP A 76 7.18 -42.95 7.80
CA TRP A 76 8.28 -42.63 6.91
C TRP A 76 9.20 -43.86 6.71
N ILE A 77 8.88 -44.66 5.67
CA ILE A 77 9.60 -45.88 5.28
C ILE A 77 10.65 -45.59 4.19
N PHE A 78 10.38 -44.56 3.38
CA PHE A 78 11.09 -44.09 2.19
C PHE A 78 12.60 -43.88 2.36
N GLY A 79 13.06 -43.66 3.58
CA GLY A 79 14.48 -43.50 3.86
C GLY A 79 14.88 -42.30 4.67
N THR A 80 16.03 -42.41 5.35
CA THR A 80 16.62 -41.38 6.19
C THR A 80 17.01 -40.17 5.32
N PHE A 81 17.56 -40.46 4.11
CA PHE A 81 17.99 -39.50 3.08
C PHE A 81 16.82 -38.73 2.49
N LEU A 82 15.72 -39.44 2.12
CA LEU A 82 14.50 -38.86 1.55
C LEU A 82 13.81 -37.87 2.50
N CYS A 83 14.07 -38.00 3.83
CA CYS A 83 13.54 -37.06 4.83
C CYS A 83 14.19 -35.71 4.59
N LYS A 84 15.54 -35.69 4.52
CA LYS A 84 16.36 -34.51 4.28
C LYS A 84 16.03 -33.85 2.94
N VAL A 85 15.75 -34.66 1.90
CA VAL A 85 15.36 -34.19 0.56
C VAL A 85 14.04 -33.41 0.63
N VAL A 86 12.99 -34.05 1.20
CA VAL A 86 11.65 -33.48 1.34
C VAL A 86 11.63 -32.29 2.34
N SER A 87 12.26 -32.45 3.52
CA SER A 87 12.33 -31.41 4.56
C SER A 87 13.02 -30.14 4.10
N LEU A 88 14.04 -30.25 3.24
CA LEU A 88 14.76 -29.09 2.72
C LEU A 88 13.90 -28.31 1.72
N LEU A 89 13.21 -29.01 0.82
CA LEU A 89 12.33 -28.35 -0.17
C LEU A 89 11.19 -27.57 0.50
N LYS A 90 10.49 -28.16 1.51
CA LYS A 90 9.38 -27.50 2.21
C LYS A 90 9.81 -26.26 3.02
N GLU A 91 11.05 -26.28 3.56
CA GLU A 91 11.62 -25.17 4.33
C GLU A 91 12.15 -24.08 3.38
N VAL A 92 12.86 -24.50 2.29
CA VAL A 92 13.41 -23.61 1.26
C VAL A 92 12.27 -22.86 0.57
N ASN A 93 11.18 -23.57 0.21
CA ASN A 93 9.99 -22.96 -0.39
C ASN A 93 9.43 -21.82 0.48
N PHE A 94 9.46 -21.98 1.83
CA PHE A 94 8.98 -20.95 2.75
C PHE A 94 9.91 -19.75 2.81
N TYR A 95 11.18 -19.96 3.22
CA TYR A 95 12.17 -18.88 3.36
C TYR A 95 12.42 -18.12 2.05
N SER A 96 12.43 -18.82 0.89
CA SER A 96 12.61 -18.18 -0.41
C SER A 96 11.37 -17.37 -0.76
N GLY A 97 10.19 -17.99 -0.62
CA GLY A 97 8.89 -17.38 -0.90
C GLY A 97 8.60 -16.15 -0.06
N ILE A 98 8.95 -16.19 1.24
CA ILE A 98 8.73 -15.08 2.14
C ILE A 98 9.72 -13.94 1.85
N TRP A 99 10.98 -14.26 1.45
CA TRP A 99 12.01 -13.26 1.10
C TRP A 99 11.76 -12.61 -0.25
N LEU A 100 11.22 -13.39 -1.22
CA LEU A 100 10.87 -12.91 -2.56
C LEU A 100 9.73 -11.91 -2.46
N LEU A 101 8.80 -12.14 -1.51
CA LEU A 101 7.66 -11.24 -1.24
C LEU A 101 8.14 -9.92 -0.66
N ALA A 102 9.24 -9.95 0.12
CA ALA A 102 9.85 -8.76 0.70
C ALA A 102 10.54 -7.92 -0.38
N CYS A 103 11.09 -8.58 -1.41
CA CYS A 103 11.78 -7.94 -2.53
C CYS A 103 10.80 -7.23 -3.43
N ILE A 104 9.57 -7.77 -3.53
CA ILE A 104 8.46 -7.18 -4.26
C ILE A 104 8.07 -5.89 -3.51
N SER A 105 7.97 -5.94 -2.16
CA SER A 105 7.65 -4.79 -1.30
C SER A 105 8.64 -3.65 -1.51
N VAL A 106 9.96 -3.94 -1.43
CA VAL A 106 11.06 -2.98 -1.62
C VAL A 106 10.96 -2.27 -2.98
N ASP A 107 10.68 -3.06 -4.05
CA ASP A 107 10.54 -2.54 -5.41
C ASP A 107 9.31 -1.63 -5.54
N ARG A 108 8.16 -2.08 -5.01
CA ARG A 108 6.89 -1.34 -5.07
C ARG A 108 6.87 -0.11 -4.16
N TYR A 109 7.59 -0.12 -3.01
CA TYR A 109 7.68 1.01 -2.08
C TYR A 109 8.44 2.17 -2.76
N LEU A 110 9.65 1.89 -3.27
CA LEU A 110 10.48 2.86 -3.97
C LEU A 110 9.83 3.32 -5.27
N ALA A 111 8.87 2.57 -5.81
CA ALA A 111 8.21 2.91 -7.07
C ALA A 111 6.86 3.61 -6.94
N ILE A 112 6.03 3.30 -5.92
CA ILE A 112 4.73 3.94 -5.85
C ILE A 112 4.72 5.12 -4.84
N VAL A 113 5.04 4.89 -3.53
CA VAL A 113 5.05 5.93 -2.49
C VAL A 113 6.22 6.92 -2.73
N HIS A 114 7.36 6.41 -3.26
CA HIS A 114 8.50 7.24 -3.68
C HIS A 114 8.57 7.12 -5.20
N ALA A 115 8.98 8.17 -5.91
CA ALA A 115 8.98 8.10 -7.37
C ALA A 115 10.36 7.67 -7.92
N THR A 116 10.70 6.39 -7.71
CA THR A 116 12.00 5.86 -8.12
C THR A 116 11.91 4.42 -8.66
N ARG A 117 12.22 4.27 -9.97
CA ARG A 117 12.26 2.97 -10.62
C ARG A 117 13.59 2.30 -10.24
N THR A 118 13.56 1.00 -10.00
CA THR A 118 14.73 0.25 -9.56
C THR A 118 15.08 -0.87 -10.54
N LEU A 119 16.39 -1.02 -10.82
CA LEU A 119 17.01 -2.05 -11.68
C LEU A 119 16.48 -2.13 -13.12
N THR A 120 15.89 -1.04 -13.64
CA THR A 120 15.35 -1.04 -15.00
C THR A 120 16.47 -0.97 -16.04
N GLN A 121 17.47 -0.09 -15.82
CA GLN A 121 18.61 0.06 -16.73
C GLN A 121 19.57 -1.13 -16.66
N LYS A 122 19.81 -1.66 -15.45
CA LYS A 122 20.69 -2.80 -15.23
C LYS A 122 19.85 -4.00 -14.78
N ARG A 123 19.11 -4.58 -15.74
CA ARG A 123 18.22 -5.72 -15.51
C ARG A 123 18.95 -7.06 -15.23
N TYR A 124 20.28 -7.11 -15.48
CA TYR A 124 21.09 -8.31 -15.24
C TYR A 124 21.25 -8.59 -13.74
N LEU A 125 21.21 -7.52 -12.91
CA LEU A 125 21.37 -7.57 -11.46
C LEU A 125 20.22 -8.26 -10.72
N VAL A 126 19.02 -8.27 -11.32
CA VAL A 126 17.80 -8.88 -10.75
C VAL A 126 18.04 -10.37 -10.54
N LYS A 127 18.66 -11.05 -11.53
CA LYS A 127 18.99 -12.49 -11.50
C LYS A 127 19.84 -12.86 -10.29
N PHE A 128 20.81 -12.00 -9.94
CA PHE A 128 21.69 -12.18 -8.78
C PHE A 128 20.95 -12.00 -7.46
N ILE A 129 19.93 -11.12 -7.42
CA ILE A 129 19.12 -10.88 -6.22
C ILE A 129 18.39 -12.17 -5.80
N CYS A 130 17.61 -12.78 -6.72
CA CYS A 130 16.87 -14.01 -6.45
C CYS A 130 17.78 -15.23 -6.29
N LEU A 131 18.97 -15.22 -6.93
CA LEU A 131 20.00 -16.27 -6.78
C LEU A 131 20.47 -16.23 -5.33
N SER A 132 20.66 -15.01 -4.79
CA SER A 132 21.02 -14.75 -3.40
C SER A 132 19.87 -15.19 -2.48
N ILE A 133 18.61 -14.94 -2.90
CA ILE A 133 17.40 -15.33 -2.17
C ILE A 133 17.36 -16.84 -1.96
N TRP A 134 17.58 -17.62 -3.04
CA TRP A 134 17.62 -19.08 -3.00
C TRP A 134 18.76 -19.61 -2.13
N GLY A 135 19.90 -18.93 -2.17
CA GLY A 135 21.10 -19.26 -1.40
C GLY A 135 20.93 -19.07 0.09
N LEU A 136 20.41 -17.89 0.49
CA LEU A 136 20.11 -17.52 1.88
C LEU A 136 19.01 -18.44 2.44
N SER A 137 18.06 -18.85 1.55
CA SER A 137 16.95 -19.76 1.84
C SER A 137 17.46 -21.17 2.14
N LEU A 138 18.56 -21.58 1.47
CA LEU A 138 19.21 -22.87 1.65
C LEU A 138 19.99 -22.90 2.97
N LEU A 139 20.69 -21.79 3.30
CA LEU A 139 21.44 -21.64 4.54
C LEU A 139 20.51 -21.58 5.75
N LEU A 140 19.34 -20.93 5.61
CA LEU A 140 18.27 -20.83 6.61
C LEU A 140 17.71 -22.22 6.92
N ALA A 141 17.60 -23.07 5.87
CA ALA A 141 17.09 -24.44 5.95
C ALA A 141 18.20 -25.48 6.08
N LEU A 142 19.47 -25.03 6.27
CA LEU A 142 20.59 -25.97 6.47
C LEU A 142 20.48 -26.76 7.80
N PRO A 143 20.04 -26.19 8.95
CA PRO A 143 19.93 -27.00 10.18
C PRO A 143 19.02 -28.22 10.08
N VAL A 144 17.91 -28.14 9.31
CA VAL A 144 16.99 -29.28 9.14
C VAL A 144 17.67 -30.41 8.33
N LEU A 145 18.70 -30.07 7.52
CA LEU A 145 19.49 -31.04 6.76
C LEU A 145 20.41 -31.84 7.72
N LEU A 146 20.56 -31.35 8.96
CA LEU A 146 21.39 -31.97 10.00
C LEU A 146 20.57 -32.72 11.05
N PHE A 147 19.42 -32.13 11.49
CA PHE A 147 18.60 -32.70 12.56
C PHE A 147 17.33 -33.45 12.11
N ARG A 148 16.93 -33.36 10.83
CA ARG A 148 15.73 -34.06 10.37
C ARG A 148 16.05 -35.41 9.70
N ARG A 149 15.53 -36.50 10.31
CA ARG A 149 15.69 -37.89 9.84
C ARG A 149 14.53 -38.79 10.33
N THR A 150 14.63 -40.11 10.08
CA THR A 150 13.63 -41.10 10.49
C THR A 150 13.73 -41.29 12.01
N VAL A 151 12.63 -41.01 12.73
CA VAL A 151 12.53 -41.14 14.19
C VAL A 151 11.58 -42.30 14.57
N TYR A 152 12.16 -43.36 15.19
CA TYR A 152 11.46 -44.56 15.64
C TYR A 152 11.02 -44.44 17.09
N SER A 153 9.80 -44.92 17.39
CA SER A 153 9.23 -44.86 18.74
C SER A 153 8.46 -46.14 19.12
N SER A 154 8.07 -46.24 20.41
CA SER A 154 7.35 -47.39 20.96
C SER A 154 5.94 -47.56 20.38
N ASN A 155 5.73 -48.68 19.63
CA ASN A 155 4.49 -49.13 18.97
C ASN A 155 3.94 -48.18 17.86
N VAL A 156 4.61 -47.05 17.61
CA VAL A 156 4.19 -46.08 16.59
C VAL A 156 5.02 -46.22 15.31
N SER A 157 4.44 -45.80 14.16
CA SER A 157 5.03 -45.81 12.82
C SER A 157 6.24 -44.86 12.73
N PRO A 158 7.23 -45.11 11.82
CA PRO A 158 8.38 -44.19 11.70
C PRO A 158 7.94 -42.77 11.32
N ALA A 159 8.65 -41.75 11.79
CA ALA A 159 8.29 -40.35 11.53
C ALA A 159 9.45 -39.46 11.04
N CYS A 160 9.13 -38.22 10.61
CA CYS A 160 10.09 -37.22 10.14
C CYS A 160 9.99 -35.94 10.93
N TYR A 161 10.80 -35.82 12.00
CA TYR A 161 10.89 -34.59 12.80
C TYR A 161 12.23 -34.46 13.51
N GLU A 162 12.52 -33.25 14.00
CA GLU A 162 13.75 -32.88 14.71
C GLU A 162 13.85 -33.49 16.12
N ASP A 163 14.94 -33.17 16.85
CA ASP A 163 15.19 -33.67 18.19
C ASP A 163 15.47 -32.53 19.17
N ALA A 169 20.84 -30.19 21.73
CA ALA A 169 21.73 -29.40 22.58
C ALA A 169 21.43 -27.88 22.47
N ASN A 170 22.25 -27.03 23.12
CA ASN A 170 22.12 -25.57 23.10
C ASN A 170 22.28 -24.99 21.69
N TRP A 171 23.18 -25.58 20.88
CA TRP A 171 23.45 -25.19 19.49
C TRP A 171 22.25 -25.52 18.59
N ARG A 172 21.56 -26.65 18.87
CA ARG A 172 20.38 -27.13 18.15
C ARG A 172 19.20 -26.15 18.28
N MET A 173 19.08 -25.47 19.43
CA MET A 173 18.03 -24.46 19.67
C MET A 173 18.40 -23.16 18.96
N LEU A 174 19.71 -22.80 18.96
CA LEU A 174 20.24 -21.61 18.29
C LEU A 174 20.03 -21.71 16.78
N LEU A 175 20.21 -22.92 16.23
CA LEU A 175 20.02 -23.23 14.81
C LEU A 175 18.52 -23.31 14.45
N ARG A 176 17.62 -23.19 15.45
CA ARG A 176 16.16 -23.19 15.30
C ARG A 176 15.59 -21.78 15.57
N ILE A 177 16.27 -20.99 16.44
CA ILE A 177 15.91 -19.61 16.82
C ILE A 177 16.38 -18.61 15.76
N LEU A 178 17.59 -18.81 15.19
CA LEU A 178 18.20 -17.98 14.15
C LEU A 178 17.29 -17.87 12.89
N PRO A 179 16.78 -18.98 12.26
CA PRO A 179 15.88 -18.82 11.12
C PRO A 179 14.45 -18.43 11.51
N GLN A 180 14.12 -18.48 12.82
CA GLN A 180 12.79 -18.10 13.32
C GLN A 180 12.62 -16.58 13.28
N SER A 181 13.70 -15.83 13.53
CA SER A 181 13.64 -14.37 13.51
C SER A 181 14.10 -13.75 12.20
N PHE A 182 15.15 -14.30 11.57
CA PHE A 182 15.71 -13.78 10.32
C PHE A 182 15.04 -14.33 9.06
N GLY A 183 14.30 -15.41 9.21
CA GLY A 183 13.59 -16.04 8.09
C GLY A 183 12.09 -15.91 8.17
N PHE A 184 11.58 -15.28 9.25
CA PHE A 184 10.14 -15.08 9.41
C PHE A 184 9.82 -13.65 9.82
N ILE A 185 10.36 -13.18 10.96
CA ILE A 185 10.11 -11.85 11.50
C ILE A 185 10.79 -10.73 10.67
N VAL A 186 12.08 -10.89 10.29
CA VAL A 186 12.83 -9.89 9.49
C VAL A 186 12.12 -9.59 8.13
N PRO A 187 11.77 -10.59 7.25
CA PRO A 187 11.07 -10.24 6.01
C PRO A 187 9.65 -9.73 6.25
N LEU A 188 8.98 -10.23 7.31
CA LEU A 188 7.62 -9.85 7.71
C LEU A 188 7.58 -8.37 8.12
N LEU A 189 8.59 -7.93 8.91
CA LEU A 189 8.77 -6.56 9.40
C LEU A 189 8.88 -5.61 8.21
N ILE A 190 9.77 -5.95 7.25
CA ILE A 190 10.01 -5.21 6.00
C ILE A 190 8.71 -5.16 5.18
N MET A 191 7.97 -6.29 5.12
CA MET A 191 6.70 -6.39 4.40
C MET A 191 5.62 -5.49 4.99
N LEU A 192 5.49 -5.46 6.33
CA LEU A 192 4.49 -4.63 7.01
C LEU A 192 4.76 -3.15 6.81
N PHE A 193 6.03 -2.71 6.90
CA PHE A 193 6.40 -1.30 6.69
C PHE A 193 6.13 -0.88 5.25
N CYS A 194 6.71 -1.62 4.28
CA CYS A 194 6.57 -1.35 2.84
C CYS A 194 5.15 -1.46 2.33
N TYR A 195 4.45 -2.61 2.53
CA TYR A 195 3.07 -2.78 2.05
C TYR A 195 2.07 -1.85 2.72
N GLY A 196 2.29 -1.56 4.00
CA GLY A 196 1.44 -0.68 4.79
C GLY A 196 1.44 0.75 4.29
N PHE A 197 2.65 1.34 4.16
CA PHE A 197 2.84 2.71 3.68
C PHE A 197 2.57 2.87 2.17
N THR A 198 2.59 1.76 1.39
CA THR A 198 2.25 1.82 -0.03
C THR A 198 0.73 1.86 -0.15
N LEU A 199 0.02 1.06 0.68
CA LEU A 199 -1.44 0.99 0.74
C LEU A 199 -2.01 2.35 1.13
N ARG A 200 -1.34 3.03 2.09
CA ARG A 200 -1.67 4.36 2.60
C ARG A 200 -1.76 5.37 1.45
N THR A 201 -0.71 5.45 0.61
CA THR A 201 -0.69 6.36 -0.54
C THR A 201 -1.51 5.83 -1.71
N LEU A 202 -1.78 4.53 -1.74
CA LEU A 202 -2.59 3.96 -2.80
C LEU A 202 -3.99 4.49 -2.65
N PHE A 203 -4.44 4.55 -1.40
CA PHE A 203 -5.78 5.02 -1.07
C PHE A 203 -6.03 6.47 -1.43
N LYS A 204 -5.01 7.29 -1.26
CA LYS A 204 -5.10 8.73 -1.48
C LYS A 204 -5.46 9.24 -2.88
N ALA A 205 -4.94 8.62 -3.94
CA ALA A 205 -5.25 9.13 -5.27
C ALA A 205 -6.49 8.57 -5.95
N GLY A 206 -7.52 9.41 -6.04
CA GLY A 206 -8.77 9.06 -6.68
C GLY A 206 -9.15 10.10 -7.73
N ILE A 207 -8.40 11.20 -7.76
CA ILE A 207 -8.65 12.31 -8.68
C ILE A 207 -8.31 12.05 -10.13
N ASP A 208 -9.07 12.67 -11.03
CA ASP A 208 -8.82 12.53 -12.47
C ASP A 208 -8.32 13.86 -13.02
N CYS A 209 -7.09 13.88 -13.57
CA CYS A 209 -6.46 15.07 -14.13
C CYS A 209 -7.11 15.53 -15.45
N SER A 210 -8.20 14.83 -15.86
CA SER A 210 -9.00 15.13 -17.05
C SER A 210 -10.01 16.23 -16.71
N PHE A 211 -10.29 16.44 -15.40
CA PHE A 211 -11.21 17.45 -14.86
C PHE A 211 -10.43 18.59 -14.19
N TRP A 212 -9.59 18.25 -13.18
CA TRP A 212 -8.80 19.19 -12.38
C TRP A 212 -7.39 19.38 -12.98
N ASN A 213 -7.27 20.35 -13.91
CA ASN A 213 -6.00 20.66 -14.58
C ASN A 213 -5.83 22.17 -14.77
N GLU A 214 -4.57 22.62 -14.89
CA GLU A 214 -4.22 24.04 -15.09
C GLU A 214 -4.59 24.54 -16.50
N SER A 215 -4.43 23.67 -17.53
CA SER A 215 -4.68 23.94 -18.96
C SER A 215 -6.08 24.48 -19.28
N TYR A 216 -7.11 24.02 -18.54
CA TYR A 216 -8.51 24.40 -18.73
C TYR A 216 -8.81 25.87 -18.34
N LEU A 217 -7.93 26.51 -17.55
CA LEU A 217 -8.09 27.89 -17.09
C LEU A 217 -7.68 28.91 -18.14
N THR A 218 -8.47 29.98 -18.29
CA THR A 218 -8.23 31.09 -19.23
C THR A 218 -7.50 32.25 -18.56
N GLY A 219 -6.55 32.84 -19.27
CA GLY A 219 -5.77 33.98 -18.80
C GLY A 219 -4.73 33.61 -17.76
N SER A 220 -4.21 34.61 -17.02
CA SER A 220 -3.21 34.43 -15.97
C SER A 220 -3.83 34.46 -14.57
N ARG A 221 -3.24 33.69 -13.63
CA ARG A 221 -3.68 33.54 -12.24
C ARG A 221 -3.82 34.86 -11.46
N ASP A 222 -3.05 35.90 -11.81
CA ASP A 222 -3.17 37.20 -11.16
C ASP A 222 -4.36 37.98 -11.74
N GLU A 223 -4.64 37.80 -13.06
CA GLU A 223 -5.75 38.44 -13.78
C GLU A 223 -7.06 37.75 -13.42
N ARG A 224 -7.02 36.42 -13.21
CA ARG A 224 -8.15 35.59 -12.79
C ARG A 224 -8.58 36.00 -11.37
N LYS A 225 -7.59 36.38 -10.52
CA LYS A 225 -7.74 36.83 -9.13
C LYS A 225 -8.44 38.20 -9.05
N LYS A 226 -7.94 39.19 -9.83
CA LYS A 226 -8.47 40.55 -9.89
C LYS A 226 -9.93 40.55 -10.36
N SER A 227 -10.24 39.69 -11.34
CA SER A 227 -11.59 39.53 -11.90
C SER A 227 -12.51 38.80 -10.93
N LEU A 228 -11.97 37.84 -10.13
CA LEU A 228 -12.73 37.08 -9.13
C LEU A 228 -13.17 38.04 -8.02
N LEU A 229 -12.24 38.92 -7.58
CA LEU A 229 -12.48 39.91 -6.53
C LEU A 229 -13.53 40.92 -6.96
N SER A 230 -13.43 41.38 -8.22
CA SER A 230 -14.36 42.30 -8.87
C SER A 230 -15.74 41.65 -8.98
N LYS A 231 -15.78 40.32 -9.16
CA LYS A 231 -17.01 39.53 -9.26
C LYS A 231 -17.60 39.37 -7.87
N PHE A 232 -16.72 39.28 -6.84
CA PHE A 232 -17.12 39.11 -5.44
C PHE A 232 -17.27 40.43 -4.67
N GLY A 233 -17.11 41.56 -5.38
CA GLY A 233 -17.24 42.91 -4.84
C GLY A 233 -16.21 43.27 -3.77
N MET A 234 -15.01 42.67 -3.87
CA MET A 234 -13.91 42.87 -2.93
C MET A 234 -12.74 43.60 -3.60
N ASP A 235 -11.95 44.38 -2.81
CA ASP A 235 -10.77 45.12 -3.28
C ASP A 235 -9.61 44.19 -3.64
N GLU A 236 -8.59 44.72 -4.34
CA GLU A 236 -7.40 43.96 -4.75
C GLU A 236 -6.55 43.59 -3.54
N GLY A 237 -6.12 42.34 -3.47
CA GLY A 237 -5.31 41.83 -2.38
C GLY A 237 -5.12 40.32 -2.38
N VAL A 238 -4.39 39.80 -1.36
CA VAL A 238 -4.12 38.36 -1.22
C VAL A 238 -5.40 37.62 -0.83
N THR A 239 -5.68 36.49 -1.50
CA THR A 239 -6.92 35.76 -1.24
C THR A 239 -6.70 34.41 -0.56
N PHE A 240 -7.61 34.08 0.37
CA PHE A 240 -7.67 32.84 1.14
C PHE A 240 -9.06 32.21 0.94
N MET A 241 -9.11 30.91 0.64
CA MET A 241 -10.36 30.20 0.36
C MET A 241 -10.63 29.02 1.30
N PHE A 242 -11.91 28.77 1.55
CA PHE A 242 -12.44 27.65 2.31
C PHE A 242 -13.58 27.05 1.47
N ILE A 243 -13.57 25.72 1.27
CA ILE A 243 -14.57 25.00 0.46
C ILE A 243 -15.15 23.76 1.19
N GLY A 244 -14.93 23.69 2.50
CA GLY A 244 -15.42 22.59 3.33
C GLY A 244 -16.84 22.78 3.83
N ARG A 245 -17.38 21.71 4.47
CA ARG A 245 -18.72 21.70 5.05
C ARG A 245 -18.69 22.39 6.42
N PHE A 246 -19.73 23.18 6.72
CA PHE A 246 -19.85 23.88 7.99
C PHE A 246 -20.26 22.89 9.09
N ASP A 247 -19.27 22.44 9.88
CA ASP A 247 -19.44 21.48 10.97
C ASP A 247 -18.43 21.64 12.12
N ARG A 248 -18.76 21.07 13.28
CA ARG A 248 -17.93 21.08 14.47
C ARG A 248 -17.24 19.73 14.65
N GLY A 249 -15.90 19.75 14.69
CA GLY A 249 -15.07 18.57 14.92
C GLY A 249 -14.64 17.73 13.73
N GLN A 250 -14.89 18.21 12.50
CA GLN A 250 -14.49 17.47 11.29
C GLN A 250 -13.72 18.34 10.30
N LYS A 251 -14.38 19.38 9.72
CA LYS A 251 -13.78 20.29 8.72
C LYS A 251 -13.13 21.54 9.33
N GLY A 252 -13.39 21.78 10.62
CA GLY A 252 -12.82 22.87 11.41
C GLY A 252 -12.98 24.28 10.90
N VAL A 253 -14.20 24.64 10.43
CA VAL A 253 -14.55 25.99 9.97
C VAL A 253 -14.59 26.94 11.17
N ASP A 254 -14.90 26.42 12.37
CA ASP A 254 -14.96 27.16 13.64
C ASP A 254 -13.57 27.73 14.00
N VAL A 255 -12.52 26.94 13.69
CA VAL A 255 -11.12 27.30 13.89
C VAL A 255 -10.81 28.48 12.94
N LEU A 256 -11.27 28.36 11.67
CA LEU A 256 -11.08 29.41 10.67
C LEU A 256 -11.83 30.68 11.02
N LEU A 257 -13.10 30.58 11.47
CA LEU A 257 -13.89 31.74 11.87
C LEU A 257 -13.32 32.41 13.11
N LYS A 258 -12.65 31.62 13.99
CA LYS A 258 -12.01 32.16 15.19
C LYS A 258 -10.68 32.81 14.83
N ALA A 259 -9.93 32.23 13.86
CA ALA A 259 -8.65 32.78 13.39
C ALA A 259 -8.90 34.15 12.76
N ILE A 260 -9.94 34.25 11.87
CA ILE A 260 -10.40 35.50 11.22
C ILE A 260 -10.71 36.53 12.32
N GLU A 261 -11.43 36.09 13.38
CA GLU A 261 -11.80 36.89 14.54
C GLU A 261 -10.60 37.48 15.29
N ILE A 262 -9.53 36.67 15.48
CA ILE A 262 -8.35 37.15 16.18
C ILE A 262 -7.48 37.99 15.23
N LEU A 263 -7.60 37.77 13.90
CA LEU A 263 -6.86 38.54 12.89
C LEU A 263 -7.47 39.93 12.76
N SER A 264 -8.80 40.03 12.94
CA SER A 264 -9.63 41.24 12.86
C SER A 264 -9.00 42.47 13.53
N SER A 265 -8.37 42.27 14.71
CA SER A 265 -7.71 43.31 15.52
C SER A 265 -6.38 43.84 14.91
N LYS A 266 -5.74 43.05 14.02
CA LYS A 266 -4.47 43.40 13.37
C LYS A 266 -4.60 44.27 12.11
N LYS A 267 -3.52 45.01 11.78
CA LYS A 267 -3.44 45.88 10.60
C LYS A 267 -3.29 45.05 9.33
N GLU A 268 -2.62 43.90 9.44
CA GLU A 268 -2.35 42.95 8.35
C GLU A 268 -3.63 42.28 7.80
N PHE A 269 -4.74 42.37 8.57
CA PHE A 269 -6.06 41.83 8.22
C PHE A 269 -6.67 42.56 7.02
N GLN A 270 -6.39 43.87 6.89
CA GLN A 270 -6.89 44.71 5.79
C GLN A 270 -6.20 44.39 4.47
N GLU A 271 -5.01 43.76 4.54
CA GLU A 271 -4.20 43.35 3.40
C GLU A 271 -4.71 42.07 2.73
N MET A 272 -5.53 41.28 3.44
CA MET A 272 -6.05 39.99 2.96
C MET A 272 -7.57 39.91 2.78
N ARG A 273 -7.99 39.03 1.87
CA ARG A 273 -9.38 38.74 1.50
C ARG A 273 -9.67 37.28 1.81
N PHE A 274 -10.89 37.01 2.31
CA PHE A 274 -11.35 35.67 2.70
C PHE A 274 -12.63 35.27 1.99
N ILE A 275 -12.66 34.03 1.46
CA ILE A 275 -13.81 33.43 0.77
C ILE A 275 -14.13 32.13 1.51
N ILE A 276 -15.24 32.12 2.27
CA ILE A 276 -15.64 30.95 3.07
C ILE A 276 -16.90 30.29 2.47
N ILE A 277 -16.67 29.30 1.58
CA ILE A 277 -17.72 28.55 0.88
C ILE A 277 -18.03 27.25 1.63
N GLY A 278 -19.33 27.00 1.79
CA GLY A 278 -19.82 25.81 2.47
C GLY A 278 -21.18 26.02 3.13
N LYS A 279 -21.94 24.92 3.22
CA LYS A 279 -23.27 24.88 3.82
C LYS A 279 -23.19 23.92 5.00
N GLY A 280 -24.02 24.15 6.01
CA GLY A 280 -24.07 23.27 7.18
C GLY A 280 -24.69 23.89 8.41
N ASP A 281 -23.99 23.74 9.54
CA ASP A 281 -24.35 24.20 10.89
C ASP A 281 -24.93 25.63 10.93
N PRO A 282 -26.17 25.83 11.47
CA PRO A 282 -26.74 27.19 11.50
C PRO A 282 -25.99 28.17 12.41
N GLU A 283 -25.33 27.68 13.48
CA GLU A 283 -24.54 28.53 14.38
C GLU A 283 -23.26 28.98 13.68
N LEU A 284 -22.68 28.12 12.83
CA LEU A 284 -21.48 28.40 12.03
C LEU A 284 -21.83 29.28 10.83
N GLU A 285 -23.04 29.08 10.25
CA GLU A 285 -23.55 29.87 9.13
C GLU A 285 -23.76 31.32 9.57
N GLY A 286 -24.27 31.48 10.80
CA GLY A 286 -24.51 32.78 11.43
C GLY A 286 -23.22 33.54 11.66
N TRP A 287 -22.22 32.88 12.29
CA TRP A 287 -20.88 33.43 12.59
C TRP A 287 -20.16 33.87 11.30
N ALA A 288 -20.32 33.09 10.21
CA ALA A 288 -19.74 33.37 8.90
C ALA A 288 -20.41 34.56 8.23
N ARG A 289 -21.76 34.68 8.37
CA ARG A 289 -22.53 35.78 7.80
C ARG A 289 -22.26 37.08 8.54
N SER A 290 -22.18 37.01 9.89
CA SER A 290 -21.87 38.15 10.76
C SER A 290 -20.51 38.76 10.40
N LEU A 291 -19.49 37.90 10.17
CA LEU A 291 -18.14 38.31 9.78
C LEU A 291 -18.13 38.90 8.36
N GLU A 292 -19.01 38.39 7.47
CA GLU A 292 -19.14 38.88 6.10
C GLU A 292 -19.71 40.31 6.13
N GLU A 293 -20.79 40.50 6.92
CA GLU A 293 -21.50 41.77 7.08
C GLU A 293 -20.66 42.82 7.81
N LYS A 294 -19.73 42.39 8.68
CA LYS A 294 -18.85 43.30 9.43
C LYS A 294 -17.61 43.69 8.63
N HIS A 295 -17.02 42.74 7.88
CA HIS A 295 -15.79 42.96 7.11
C HIS A 295 -16.04 42.90 5.60
N GLY A 296 -15.56 43.95 4.90
CA GLY A 296 -15.68 44.07 3.45
C GLY A 296 -14.72 43.19 2.66
N ASN A 297 -13.83 42.48 3.38
CA ASN A 297 -12.86 41.56 2.79
C ASN A 297 -13.20 40.11 3.12
N VAL A 298 -14.45 39.86 3.56
CA VAL A 298 -14.97 38.52 3.87
C VAL A 298 -16.22 38.27 3.01
N LYS A 299 -16.22 37.11 2.30
CA LYS A 299 -17.31 36.65 1.43
C LYS A 299 -17.70 35.21 1.78
N VAL A 300 -19.00 34.97 2.02
CA VAL A 300 -19.48 33.63 2.36
C VAL A 300 -20.54 33.17 1.36
N ILE A 301 -20.35 31.96 0.81
CA ILE A 301 -21.28 31.40 -0.16
C ILE A 301 -21.95 30.14 0.40
N THR A 302 -23.25 30.25 0.71
CA THR A 302 -24.09 29.16 1.24
C THR A 302 -24.46 28.15 0.14
N GLU A 303 -24.42 28.61 -1.14
CA GLU A 303 -24.75 27.84 -2.36
C GLU A 303 -23.78 26.68 -2.58
N MET A 304 -24.32 25.56 -3.09
CA MET A 304 -23.56 24.36 -3.41
C MET A 304 -23.07 24.44 -4.87
N LEU A 305 -21.87 25.05 -5.06
CA LEU A 305 -21.21 25.30 -6.35
C LEU A 305 -20.82 24.04 -7.12
N SER A 306 -20.83 24.14 -8.46
CA SER A 306 -20.44 23.04 -9.36
C SER A 306 -18.92 23.05 -9.53
N ARG A 307 -18.33 21.84 -9.71
CA ARG A 307 -16.89 21.58 -9.89
C ARG A 307 -16.21 22.45 -10.96
N GLU A 308 -17.00 23.01 -11.89
CA GLU A 308 -16.52 23.89 -12.97
C GLU A 308 -16.16 25.26 -12.37
N PHE A 309 -17.00 25.76 -11.43
CA PHE A 309 -16.79 27.03 -10.74
C PHE A 309 -15.64 26.93 -9.71
N VAL A 310 -15.58 25.80 -8.97
CA VAL A 310 -14.56 25.51 -7.96
C VAL A 310 -13.16 25.46 -8.61
N ARG A 311 -13.10 25.02 -9.89
CA ARG A 311 -11.88 24.96 -10.69
C ARG A 311 -11.37 26.39 -10.97
N GLU A 312 -12.30 27.30 -11.34
CA GLU A 312 -11.98 28.71 -11.58
C GLU A 312 -11.47 29.37 -10.30
N LEU A 313 -12.00 28.95 -9.14
CA LEU A 313 -11.64 29.43 -7.81
C LEU A 313 -10.25 28.97 -7.38
N TYR A 314 -9.93 27.67 -7.55
CA TYR A 314 -8.63 27.10 -7.17
C TYR A 314 -7.44 27.76 -7.87
N GLY A 315 -7.60 28.06 -9.16
CA GLY A 315 -6.59 28.71 -9.98
C GLY A 315 -6.35 30.16 -9.63
N SER A 316 -7.45 30.94 -9.47
CA SER A 316 -7.46 32.36 -9.14
C SER A 316 -7.02 32.71 -7.70
N VAL A 317 -7.54 31.99 -6.68
CA VAL A 317 -7.21 32.20 -5.27
C VAL A 317 -5.76 31.77 -4.95
N ASP A 318 -5.04 32.58 -4.17
CA ASP A 318 -3.64 32.35 -3.78
C ASP A 318 -3.43 31.15 -2.86
N PHE A 319 -4.19 31.09 -1.75
CA PHE A 319 -4.11 30.04 -0.74
C PHE A 319 -5.44 29.38 -0.46
N VAL A 320 -5.42 28.10 -0.09
CA VAL A 320 -6.62 27.33 0.27
C VAL A 320 -6.41 26.81 1.69
N ILE A 321 -7.28 27.22 2.64
CA ILE A 321 -7.18 26.81 4.04
C ILE A 321 -8.06 25.58 4.33
N ILE A 322 -7.45 24.49 4.85
CA ILE A 322 -8.12 23.23 5.23
C ILE A 322 -7.87 22.99 6.75
N PRO A 323 -8.59 23.68 7.68
CA PRO A 323 -8.33 23.48 9.11
C PRO A 323 -9.07 22.30 9.72
N SER A 324 -9.19 21.22 8.92
CA SER A 324 -9.88 19.97 9.27
C SER A 324 -9.29 19.27 10.48
N TYR A 325 -10.16 18.82 11.40
CA TYR A 325 -9.79 18.08 12.60
C TYR A 325 -9.42 16.65 12.18
N PHE A 326 -10.24 16.06 11.28
CA PHE A 326 -10.04 14.73 10.71
C PHE A 326 -10.30 14.72 9.21
N GLU A 327 -9.31 14.23 8.46
CA GLU A 327 -9.30 14.10 7.01
C GLU A 327 -8.55 12.79 6.71
N PRO A 328 -9.22 11.67 6.32
CA PRO A 328 -8.44 10.43 6.06
C PRO A 328 -7.69 10.50 4.73
N PHE A 329 -8.26 11.20 3.76
CA PHE A 329 -7.75 11.41 2.41
C PHE A 329 -7.78 12.91 2.07
N GLY A 330 -6.65 13.44 1.60
CA GLY A 330 -6.53 14.85 1.25
C GLY A 330 -7.04 15.18 -0.13
N LEU A 331 -8.29 14.76 -0.43
CA LEU A 331 -8.96 14.95 -1.72
C LEU A 331 -9.18 16.42 -2.08
N VAL A 332 -9.57 17.26 -1.10
CA VAL A 332 -9.81 18.69 -1.29
C VAL A 332 -8.50 19.46 -1.53
N ALA A 333 -7.39 18.96 -0.93
CA ALA A 333 -6.05 19.52 -1.09
C ALA A 333 -5.48 19.13 -2.45
N LEU A 334 -5.73 17.87 -2.88
CA LEU A 334 -5.31 17.30 -4.16
C LEU A 334 -5.88 18.11 -5.33
N GLU A 335 -7.17 18.49 -5.24
CA GLU A 335 -7.88 19.28 -6.22
C GLU A 335 -7.31 20.70 -6.26
N ALA A 336 -7.07 21.30 -5.07
CA ALA A 336 -6.52 22.64 -4.91
C ALA A 336 -5.11 22.75 -5.47
N MET A 337 -4.27 21.75 -5.19
CA MET A 337 -2.88 21.71 -5.65
C MET A 337 -2.77 21.47 -7.16
N CYS A 338 -3.70 20.69 -7.75
CA CYS A 338 -3.74 20.39 -9.19
C CYS A 338 -3.95 21.64 -10.05
N LEU A 339 -4.52 22.71 -9.46
CA LEU A 339 -4.77 23.99 -10.12
C LEU A 339 -3.82 25.10 -9.65
N GLY A 340 -2.86 24.72 -8.80
CA GLY A 340 -1.81 25.60 -8.29
C GLY A 340 -2.17 26.53 -7.15
N ALA A 341 -2.82 25.99 -6.11
CA ALA A 341 -3.18 26.79 -4.93
C ALA A 341 -2.39 26.27 -3.75
N ILE A 342 -1.63 27.17 -3.08
CA ILE A 342 -0.79 26.83 -1.93
C ILE A 342 -1.69 26.48 -0.73
N PRO A 343 -1.67 25.22 -0.22
CA PRO A 343 -2.59 24.88 0.87
C PRO A 343 -2.07 25.13 2.29
N ILE A 344 -2.93 25.75 3.13
CA ILE A 344 -2.65 26.00 4.54
C ILE A 344 -3.54 25.01 5.30
N ALA A 345 -3.10 23.76 5.37
CA ALA A 345 -3.82 22.67 6.01
C ALA A 345 -3.15 22.17 7.28
N SER A 346 -3.96 21.80 8.28
CA SER A 346 -3.50 21.28 9.57
C SER A 346 -2.88 19.89 9.40
N ALA A 347 -1.79 19.62 10.13
CA ALA A 347 -1.06 18.36 10.09
C ALA A 347 -1.88 17.22 10.68
N VAL A 348 -2.70 16.59 9.82
CA VAL A 348 -3.57 15.45 10.13
C VAL A 348 -3.37 14.35 9.05
N GLY A 349 -4.25 13.34 9.03
CA GLY A 349 -4.20 12.24 8.06
C GLY A 349 -4.26 12.73 6.63
N GLY A 350 -3.44 12.14 5.77
CA GLY A 350 -3.34 12.49 4.36
C GLY A 350 -2.63 13.80 4.10
N LEU A 351 -3.02 14.85 4.85
CA LEU A 351 -2.49 16.22 4.76
C LEU A 351 -1.03 16.34 5.21
N ARG A 352 -0.59 15.53 6.21
CA ARG A 352 0.80 15.53 6.68
C ARG A 352 1.70 14.93 5.59
N ASP A 353 1.17 13.91 4.87
CA ASP A 353 1.83 13.16 3.81
C ASP A 353 2.00 13.98 2.52
N ILE A 354 0.90 14.58 2.00
CA ILE A 354 0.88 15.36 0.75
C ILE A 354 1.63 16.70 0.87
N ILE A 355 1.50 17.41 2.00
CA ILE A 355 2.12 18.72 2.19
C ILE A 355 3.53 18.60 2.77
N THR A 356 4.50 19.20 2.08
CA THR A 356 5.91 19.28 2.43
C THR A 356 6.24 20.77 2.69
N ASN A 357 7.44 21.10 3.17
CA ASN A 357 7.86 22.49 3.40
C ASN A 357 8.06 23.26 2.07
N GLU A 358 8.01 22.53 0.95
CA GLU A 358 8.15 23.00 -0.43
C GLU A 358 6.78 23.17 -1.11
N THR A 359 5.74 22.47 -0.61
CA THR A 359 4.38 22.48 -1.19
C THR A 359 3.25 22.75 -0.14
N GLY A 360 3.26 23.95 0.44
CA GLY A 360 2.26 24.37 1.41
C GLY A 360 2.77 24.62 2.82
N ILE A 361 1.83 24.91 3.74
CA ILE A 361 2.10 25.19 5.16
C ILE A 361 1.28 24.23 6.05
N LEU A 362 1.95 23.56 7.03
CA LEU A 362 1.28 22.65 7.97
C LEU A 362 1.13 23.32 9.33
N VAL A 363 -0.01 23.08 10.01
CA VAL A 363 -0.30 23.68 11.33
C VAL A 363 -0.89 22.68 12.34
N LYS A 364 -1.02 23.12 13.61
CA LYS A 364 -1.61 22.30 14.68
C LYS A 364 -3.14 22.31 14.51
N ALA A 365 -3.73 21.10 14.41
CA ALA A 365 -5.14 20.79 14.15
C ALA A 365 -6.18 21.73 14.79
N GLY A 366 -6.28 21.76 16.11
CA GLY A 366 -7.30 22.54 16.81
C GLY A 366 -6.89 23.88 17.41
N ASP A 367 -5.87 24.55 16.86
CA ASP A 367 -5.47 25.85 17.41
C ASP A 367 -5.77 27.03 16.47
N PRO A 368 -6.74 27.90 16.84
CA PRO A 368 -7.05 29.07 15.99
C PRO A 368 -5.98 30.15 16.04
N GLY A 369 -5.21 30.18 17.12
CA GLY A 369 -4.12 31.12 17.32
C GLY A 369 -2.95 30.86 16.39
N GLU A 370 -2.57 29.57 16.23
CA GLU A 370 -1.47 29.14 15.35
C GLU A 370 -1.82 29.30 13.88
N LEU A 371 -3.09 29.02 13.49
CA LEU A 371 -3.58 29.16 12.12
C LEU A 371 -3.51 30.64 11.66
N ALA A 372 -3.89 31.57 12.56
CA ALA A 372 -3.83 33.00 12.28
C ALA A 372 -2.39 33.39 11.96
N ASN A 373 -1.41 32.81 12.69
CA ASN A 373 0.03 33.01 12.49
C ASN A 373 0.50 32.42 11.16
N ALA A 374 -0.19 31.37 10.65
CA ALA A 374 0.12 30.73 9.38
C ALA A 374 -0.47 31.55 8.24
N ILE A 375 -1.62 32.21 8.49
CA ILE A 375 -2.29 33.09 7.54
C ILE A 375 -1.39 34.35 7.40
N LEU A 376 -0.84 34.82 8.54
CA LEU A 376 0.10 35.93 8.62
C LEU A 376 1.42 35.57 7.95
N LYS A 377 1.89 34.31 8.10
CA LYS A 377 3.11 33.82 7.47
C LYS A 377 2.94 33.79 5.95
N ALA A 378 1.77 33.29 5.49
CA ALA A 378 1.39 33.21 4.08
C ALA A 378 1.28 34.62 3.47
N LEU A 379 0.90 35.61 4.29
CA LEU A 379 0.78 37.02 3.88
C LEU A 379 2.17 37.56 3.53
N GLU A 380 3.17 37.25 4.37
CA GLU A 380 4.57 37.69 4.19
C GLU A 380 5.28 36.96 3.06
N LEU A 381 4.91 35.69 2.80
CA LEU A 381 5.50 34.89 1.74
C LEU A 381 5.01 35.32 0.34
N SER A 382 3.81 35.94 0.27
CA SER A 382 3.20 36.42 -0.97
C SER A 382 3.94 37.61 -1.61
N ARG A 383 4.72 38.37 -0.80
CA ARG A 383 5.51 39.53 -1.24
C ARG A 383 6.46 39.17 -2.40
N SER A 384 7.09 37.98 -2.31
CA SER A 384 7.98 37.42 -3.33
C SER A 384 7.14 36.56 -4.27
N ASP A 385 7.44 36.61 -5.59
CA ASP A 385 6.73 35.87 -6.64
C ASP A 385 6.73 34.35 -6.42
N LEU A 386 5.58 33.82 -5.94
CA LEU A 386 5.38 32.40 -5.63
C LEU A 386 4.92 31.57 -6.84
N SER A 387 5.36 31.96 -8.06
CA SER A 387 5.04 31.29 -9.33
C SER A 387 5.54 29.85 -9.32
N LYS A 388 6.77 29.63 -8.80
CA LYS A 388 7.38 28.30 -8.67
C LYS A 388 6.74 27.50 -7.54
N PHE A 389 6.43 28.16 -6.39
CA PHE A 389 5.79 27.52 -5.24
C PHE A 389 4.42 26.96 -5.61
N ARG A 390 3.64 27.73 -6.41
CA ARG A 390 2.32 27.34 -6.91
C ARG A 390 2.45 26.19 -7.92
N GLU A 391 3.53 26.22 -8.73
CA GLU A 391 3.83 25.19 -9.73
C GLU A 391 4.26 23.87 -9.09
N ASN A 392 5.00 23.94 -7.95
CA ASN A 392 5.48 22.77 -7.19
C ASN A 392 4.33 21.90 -6.69
N CYS A 393 3.22 22.55 -6.28
CA CYS A 393 1.99 21.92 -5.80
C CYS A 393 1.34 21.09 -6.93
N LYS A 394 1.33 21.64 -8.16
CA LYS A 394 0.80 20.97 -9.36
C LYS A 394 1.58 19.70 -9.67
N LYS A 395 2.91 19.73 -9.45
CA LYS A 395 3.83 18.62 -9.65
C LYS A 395 3.60 17.52 -8.60
N ARG A 396 3.51 17.91 -7.30
CA ARG A 396 3.31 17.00 -6.17
C ARG A 396 1.96 16.29 -6.18
N ALA A 397 0.90 17.01 -6.52
CA ALA A 397 -0.43 16.41 -6.58
C ALA A 397 -0.47 15.40 -7.71
N MET A 398 0.13 15.78 -8.82
CA MET A 398 0.17 14.93 -10.01
C MET A 398 0.97 13.65 -9.77
N SER A 399 2.00 13.73 -8.94
CA SER A 399 2.80 12.55 -8.66
C SER A 399 1.87 11.51 -8.04
N PHE A 400 1.00 11.97 -7.16
CA PHE A 400 0.01 11.11 -6.53
C PHE A 400 -1.02 10.63 -7.55
N SER A 401 -1.23 11.44 -8.59
CA SER A 401 -2.20 11.14 -9.63
C SER A 401 -1.94 9.85 -10.40
N GLY A 402 -0.67 9.55 -10.68
CA GLY A 402 -0.36 8.33 -11.42
C GLY A 402 -0.89 7.16 -10.63
N GLN A 403 -1.50 6.20 -11.31
CA GLN A 403 -2.09 5.06 -10.63
C GLN A 403 -1.62 3.66 -11.07
N LYS A 404 -1.19 2.87 -10.09
CA LYS A 404 -0.77 1.50 -10.32
C LYS A 404 -1.77 0.64 -9.57
N HIS A 405 -2.40 1.29 -8.59
CA HIS A 405 -3.41 0.67 -7.73
C HIS A 405 -4.09 -0.59 -8.29
N ARG A 406 -4.44 -0.61 -9.59
CA ARG A 406 -5.08 -1.77 -10.20
C ARG A 406 -4.13 -2.96 -10.33
N GLU A 407 -2.87 -2.71 -10.73
CA GLU A 407 -1.83 -3.74 -10.88
C GLU A 407 -1.46 -4.35 -9.52
N MET A 408 -1.40 -3.51 -8.47
CA MET A 408 -1.06 -3.89 -7.10
C MET A 408 -2.10 -4.76 -6.43
N ARG A 409 -3.38 -4.65 -6.86
CA ARG A 409 -4.50 -5.43 -6.30
C ARG A 409 -4.24 -6.94 -6.35
N VAL A 410 -3.40 -7.39 -7.31
CA VAL A 410 -2.97 -8.77 -7.49
C VAL A 410 -1.98 -9.14 -6.38
N ILE A 411 -0.94 -8.30 -6.17
CA ILE A 411 0.10 -8.50 -5.16
C ILE A 411 -0.46 -8.49 -3.74
N PHE A 412 -1.44 -7.60 -3.46
CA PHE A 412 -2.06 -7.57 -2.14
C PHE A 412 -2.84 -8.84 -1.85
N ALA A 413 -3.48 -9.42 -2.89
CA ALA A 413 -4.19 -10.70 -2.78
C ALA A 413 -3.19 -11.83 -2.53
N VAL A 414 -2.00 -11.76 -3.18
CA VAL A 414 -0.91 -12.74 -3.05
C VAL A 414 -0.42 -12.82 -1.61
N VAL A 415 -0.03 -11.67 -1.02
CA VAL A 415 0.49 -11.54 0.36
C VAL A 415 -0.59 -11.92 1.38
N LEU A 416 -1.83 -11.43 1.21
CA LEU A 416 -2.98 -11.72 2.08
C LEU A 416 -3.21 -13.23 2.21
N ILE A 417 -3.24 -13.94 1.08
CA ILE A 417 -3.44 -15.39 1.04
C ILE A 417 -2.19 -16.13 1.57
N PHE A 418 -0.98 -15.61 1.30
CA PHE A 418 0.28 -16.21 1.79
C PHE A 418 0.30 -16.27 3.32
N LEU A 419 -0.07 -15.13 3.97
CA LEU A 419 -0.10 -15.01 5.43
C LEU A 419 -1.25 -15.82 6.02
N LEU A 420 -2.44 -15.80 5.38
CA LEU A 420 -3.59 -16.58 5.84
C LEU A 420 -3.33 -18.09 5.86
N CYS A 421 -2.35 -18.56 5.05
CA CYS A 421 -1.96 -19.96 4.92
C CYS A 421 -0.75 -20.35 5.77
N TRP A 422 0.24 -19.45 5.90
CA TRP A 422 1.47 -19.73 6.62
C TRP A 422 1.54 -19.21 8.05
N LEU A 423 0.88 -18.07 8.36
CA LEU A 423 0.86 -17.49 9.70
C LEU A 423 0.20 -18.44 10.73
N PRO A 424 -0.98 -19.08 10.48
CA PRO A 424 -1.55 -20.01 11.49
C PRO A 424 -0.66 -21.20 11.84
N TYR A 425 0.19 -21.69 10.91
CA TYR A 425 1.10 -22.79 11.18
C TYR A 425 2.26 -22.36 12.07
N ASN A 426 2.87 -21.20 11.78
CA ASN A 426 4.01 -20.63 12.51
C ASN A 426 3.60 -20.17 13.93
N LEU A 427 2.35 -19.68 14.09
CA LEU A 427 1.82 -19.23 15.39
C LEU A 427 1.54 -20.44 16.30
N VAL A 428 1.04 -21.55 15.72
CA VAL A 428 0.78 -22.82 16.43
C VAL A 428 2.15 -23.47 16.76
N LEU A 429 3.16 -23.30 15.86
CA LEU A 429 4.53 -23.80 16.02
C LEU A 429 5.18 -23.23 17.28
N LEU A 430 5.01 -21.91 17.52
CA LEU A 430 5.53 -21.21 18.69
C LEU A 430 4.82 -21.68 19.97
N ALA A 431 3.50 -21.92 19.88
CA ALA A 431 2.64 -22.39 20.97
C ALA A 431 2.96 -23.79 21.48
N ASP A 432 3.44 -24.69 20.59
CA ASP A 432 3.80 -26.08 20.93
C ASP A 432 5.26 -26.25 21.35
N THR A 433 6.17 -25.38 20.83
CA THR A 433 7.59 -25.40 21.17
C THR A 433 7.84 -24.75 22.55
N LEU A 434 7.13 -23.64 22.85
CA LEU A 434 7.21 -22.93 24.13
C LEU A 434 6.40 -23.63 25.25
N MET A 435 5.56 -24.63 24.89
CA MET A 435 4.77 -25.45 25.82
C MET A 435 5.74 -26.37 26.57
N ARG A 436 6.76 -26.90 25.86
CA ARG A 436 7.82 -27.75 26.40
C ARG A 436 8.81 -26.89 27.20
N THR A 437 9.22 -25.74 26.63
CA THR A 437 10.16 -24.77 27.21
C THR A 437 9.41 -23.59 27.83
N ARG A 447 -1.49 -31.67 24.17
CA ARG A 447 -2.96 -31.64 24.18
C ARG A 447 -3.54 -31.99 22.82
N ASN A 448 -4.70 -32.69 22.80
CA ASN A 448 -5.42 -33.11 21.60
C ASN A 448 -5.98 -31.91 20.82
N HIS A 449 -6.42 -30.87 21.54
CA HIS A 449 -6.96 -29.63 20.98
C HIS A 449 -5.89 -28.85 20.18
N ILE A 450 -4.63 -28.89 20.67
CA ILE A 450 -3.48 -28.23 20.06
C ILE A 450 -2.78 -29.16 19.05
N ASP A 451 -3.00 -30.49 19.15
CA ASP A 451 -2.44 -31.50 18.26
C ASP A 451 -3.17 -31.48 16.92
N ARG A 452 -4.53 -31.44 16.96
CA ARG A 452 -5.38 -31.38 15.76
C ARG A 452 -5.32 -29.98 15.13
N ALA A 453 -4.93 -28.96 15.93
CA ALA A 453 -4.75 -27.58 15.49
C ALA A 453 -3.57 -27.53 14.52
N LEU A 454 -2.47 -28.25 14.85
CA LEU A 454 -1.26 -28.36 14.00
C LEU A 454 -1.55 -29.24 12.78
N ASP A 455 -2.54 -30.15 12.87
CA ASP A 455 -2.98 -31.03 11.79
C ASP A 455 -3.83 -30.26 10.78
N ALA A 456 -4.56 -29.23 11.25
CA ALA A 456 -5.42 -28.36 10.45
C ALA A 456 -4.67 -27.17 9.83
N THR A 457 -3.63 -26.65 10.53
CA THR A 457 -2.81 -25.55 10.01
C THR A 457 -1.84 -26.05 8.94
N GLU A 458 -1.50 -27.36 8.97
CA GLU A 458 -0.63 -28.05 8.01
C GLU A 458 -1.27 -28.02 6.62
N ILE A 459 -2.54 -28.50 6.50
CA ILE A 459 -3.30 -28.55 5.24
C ILE A 459 -3.59 -27.14 4.67
N LEU A 460 -3.59 -26.08 5.53
CA LEU A 460 -3.80 -24.70 5.10
C LEU A 460 -2.58 -24.22 4.32
N ALA A 461 -1.36 -24.52 4.84
CA ALA A 461 -0.07 -24.17 4.24
C ALA A 461 0.17 -24.98 2.95
N ILE A 462 -0.43 -26.18 2.87
CA ILE A 462 -0.36 -27.06 1.70
C ILE A 462 -1.21 -26.49 0.56
N LEU A 463 -2.41 -25.97 0.88
CA LEU A 463 -3.35 -25.36 -0.07
C LEU A 463 -2.78 -24.15 -0.81
N HIS A 464 -1.88 -23.39 -0.15
CA HIS A 464 -1.23 -22.22 -0.73
C HIS A 464 -0.49 -22.57 -2.03
N SER A 465 0.18 -23.75 -2.05
CA SER A 465 0.98 -24.30 -3.15
C SER A 465 0.33 -24.22 -4.55
N CYS A 466 -1.02 -24.12 -4.63
CA CYS A 466 -1.74 -24.01 -5.90
C CYS A 466 -2.61 -22.74 -6.02
N LEU A 467 -2.64 -21.91 -4.96
CA LEU A 467 -3.47 -20.70 -4.88
C LEU A 467 -2.97 -19.52 -5.72
N ASN A 468 -1.65 -19.24 -5.71
CA ASN A 468 -1.08 -18.15 -6.51
C ASN A 468 -1.47 -18.24 -8.00
N PRO A 469 -1.29 -19.40 -8.72
CA PRO A 469 -1.72 -19.45 -10.13
C PRO A 469 -3.19 -19.13 -10.35
N LEU A 470 -4.06 -19.56 -9.41
CA LEU A 470 -5.50 -19.30 -9.44
C LEU A 470 -5.81 -17.82 -9.29
N ILE A 471 -5.01 -17.11 -8.46
CA ILE A 471 -5.15 -15.66 -8.26
C ILE A 471 -4.83 -14.92 -9.56
N TYR A 472 -3.78 -15.36 -10.28
CA TYR A 472 -3.41 -14.73 -11.55
C TYR A 472 -4.44 -15.06 -12.61
N ALA A 473 -5.03 -16.28 -12.56
CA ALA A 473 -6.08 -16.74 -13.47
C ALA A 473 -7.39 -15.99 -13.22
N PHE A 474 -7.56 -15.43 -12.01
CA PHE A 474 -8.76 -14.68 -11.62
C PHE A 474 -8.61 -13.18 -11.82
N ILE A 475 -7.60 -12.55 -11.17
CA ILE A 475 -7.42 -11.10 -11.24
C ILE A 475 -6.09 -10.67 -11.88
N GLY A 476 -5.19 -11.60 -12.19
CA GLY A 476 -3.91 -11.27 -12.82
C GLY A 476 -4.04 -10.97 -14.31
N GLN A 477 -4.30 -9.68 -14.63
CA GLN A 477 -4.53 -9.12 -15.98
C GLN A 477 -3.42 -9.36 -17.00
N LYS A 478 -2.15 -9.44 -16.56
CA LYS A 478 -1.04 -9.72 -17.48
C LYS A 478 -1.03 -11.21 -17.85
N PHE A 479 -1.22 -12.09 -16.83
CA PHE A 479 -1.27 -13.54 -17.00
C PHE A 479 -2.48 -13.96 -17.81
N ARG A 480 -3.68 -13.40 -17.48
CA ARG A 480 -4.94 -13.68 -18.17
C ARG A 480 -4.80 -13.43 -19.67
N HIS A 481 -4.58 -12.16 -20.07
CA HIS A 481 -4.39 -11.77 -21.48
C HIS A 481 -3.25 -12.48 -22.16
N GLY A 482 -2.11 -12.57 -21.46
CA GLY A 482 -0.91 -13.25 -21.93
C GLY A 482 -1.09 -14.72 -22.25
N LEU A 483 -1.93 -15.43 -21.46
CA LEU A 483 -2.22 -16.85 -21.66
C LEU A 483 -3.04 -17.04 -22.94
N LEU A 484 -4.15 -16.29 -23.09
CA LEU A 484 -4.98 -16.38 -24.28
C LEU A 484 -4.29 -15.81 -25.52
N LYS A 485 -3.25 -14.96 -25.34
CA LYS A 485 -2.40 -14.40 -26.40
C LYS A 485 -1.64 -15.56 -27.05
N ILE A 486 -1.12 -16.51 -26.23
CA ILE A 486 -0.39 -17.72 -26.64
C ILE A 486 -1.38 -18.72 -27.26
N LEU A 487 -2.56 -18.89 -26.63
CA LEU A 487 -3.61 -19.80 -27.12
C LEU A 487 -4.07 -19.41 -28.51
N ALA A 488 -4.23 -18.09 -28.77
CA ALA A 488 -4.62 -17.53 -30.08
C ALA A 488 -3.55 -17.79 -31.13
N ILE A 489 -2.25 -17.72 -30.73
CA ILE A 489 -1.10 -17.99 -31.60
C ILE A 489 -1.13 -19.42 -32.16
N HIS A 490 -1.46 -20.40 -31.30
CA HIS A 490 -1.50 -21.81 -31.68
C HIS A 490 -2.93 -22.35 -31.98
N GLY A 491 -3.70 -22.71 -30.94
CA GLY A 491 -5.02 -23.31 -31.04
C GLY A 491 -6.25 -22.42 -31.20
N LEU A 492 -6.64 -21.73 -30.10
CA LEU A 492 -7.84 -20.85 -29.95
C LEU A 492 -8.12 -19.88 -31.09
N ILE A 493 -9.43 -19.65 -31.36
CA ILE A 493 -9.99 -18.80 -32.43
C ILE A 493 -11.32 -18.13 -31.98
N SER A 494 -11.71 -17.03 -32.68
CA SER A 494 -12.93 -16.21 -32.48
C SER A 494 -13.01 -15.60 -31.09
#